data_3LHK
#
_entry.id   3LHK
#
_cell.length_a   77.349
_cell.length_b   86.160
_cell.length_c   115.464
_cell.angle_alpha   90.00
_cell.angle_beta   90.00
_cell.angle_gamma   90.00
#
_symmetry.space_group_name_H-M   'P 21 21 21'
#
loop_
_entity.id
_entity.type
_entity.pdbx_description
1 polymer 'putative DNA binding protein MJ0014'
2 water water
#
_entity_poly.entity_id   1
_entity_poly.type   'polypeptide(L)'
_entity_poly.pdbx_seq_one_letter_code
;SNAKIIGYARVSFNAQKDDLERQIQLIKSYAEENGWDIQILKDIGSGLNEKRKNYKKLLK(MSE)V(MSE)NRKVEKVII
AYPDRLTRFGFETLKEFFKSYGTEIVIINKKHKTPQEELVEDLITIVSHFAGKLYG(MSE)HSHKYKKLTKTVKEIVREE
DAKEKE
;
_entity_poly.pdbx_strand_id   A,B,C,D
#
# COMPACT_ATOMS: atom_id res chain seq x y z
N ASN A 2 12.40 12.30 6.23
CA ASN A 2 11.05 12.95 6.19
C ASN A 2 10.05 12.15 5.32
N ALA A 3 9.40 12.84 4.39
CA ALA A 3 8.70 12.19 3.31
C ALA A 3 9.41 12.68 2.05
N LYS A 4 10.65 12.24 1.82
CA LYS A 4 11.42 12.75 0.69
C LYS A 4 10.92 12.14 -0.63
N ILE A 5 11.10 12.88 -1.71
CA ILE A 5 10.89 12.33 -3.04
C ILE A 5 12.28 12.21 -3.71
N ILE A 6 12.58 11.02 -4.21
CA ILE A 6 13.92 10.70 -4.75
C ILE A 6 13.84 10.19 -6.20
N GLY A 7 14.75 10.64 -7.04
CA GLY A 7 14.84 10.15 -8.42
C GLY A 7 16.01 9.19 -8.48
N TYR A 8 15.89 8.16 -9.31
CA TYR A 8 17.03 7.26 -9.51
C TYR A 8 17.27 7.04 -10.99
N ALA A 9 18.52 7.26 -11.39
CA ALA A 9 18.92 7.08 -12.79
C ALA A 9 20.16 6.20 -12.83
N ARG A 10 20.31 5.40 -13.89
CA ARG A 10 21.61 4.76 -14.18
C ARG A 10 21.82 4.30 -15.61
N VAL A 11 23.08 4.09 -15.94
CA VAL A 11 23.47 3.41 -17.16
C VAL A 11 24.62 2.48 -16.77
N SER A 12 24.96 1.53 -17.62
CA SER A 12 25.98 0.49 -17.29
C SER A 12 27.38 1.01 -17.55
N PHE A 13 27.53 1.86 -18.57
CA PHE A 13 28.84 2.26 -19.09
C PHE A 13 29.00 3.76 -19.16
N ASN A 14 30.21 4.22 -18.84
CA ASN A 14 30.50 5.64 -18.97
C ASN A 14 30.22 6.24 -20.34
N ALA A 15 30.37 5.42 -21.39
CA ALA A 15 30.06 5.81 -22.77
C ALA A 15 28.61 6.24 -22.95
N GLN A 16 27.75 5.88 -21.99
CA GLN A 16 26.35 6.20 -22.08
C GLN A 16 25.99 7.43 -21.23
N LYS A 17 27.00 8.25 -20.90
CA LYS A 17 26.84 9.34 -19.91
C LYS A 17 25.87 10.45 -20.36
N ASP A 18 25.76 10.67 -21.67
CA ASP A 18 24.79 11.63 -22.18
C ASP A 18 23.37 11.11 -21.93
N ASP A 19 23.19 9.80 -22.05
CA ASP A 19 21.91 9.16 -21.76
C ASP A 19 21.54 9.24 -20.24
N LEU A 20 22.49 8.91 -19.39
CA LEU A 20 22.36 9.21 -17.96
C LEU A 20 21.82 10.64 -17.73
N GLU A 21 22.54 11.65 -18.25
CA GLU A 21 22.19 13.06 -18.07
C GLU A 21 20.79 13.36 -18.63
N ARG A 22 20.38 12.62 -19.66
CA ARG A 22 19.00 12.59 -20.18
C ARG A 22 17.92 12.12 -19.22
N GLN A 23 18.14 10.93 -18.63
CA GLN A 23 17.25 10.38 -17.61
C GLN A 23 17.09 11.40 -16.50
N ILE A 24 18.21 12.01 -16.09
CA ILE A 24 18.23 12.97 -14.98
C ILE A 24 17.34 14.18 -15.28
N GLN A 25 17.49 14.73 -16.48
CA GLN A 25 16.67 15.86 -16.91
C GLN A 25 15.19 15.52 -17.01
N LEU A 26 14.89 14.29 -17.46
CA LEU A 26 13.51 13.82 -17.55
C LEU A 26 12.86 13.79 -16.14
N ILE A 27 13.56 13.17 -15.20
CA ILE A 27 13.11 13.08 -13.82
C ILE A 27 13.00 14.49 -13.18
N LYS A 28 14.02 15.30 -13.41
CA LYS A 28 14.14 16.64 -12.84
C LYS A 28 13.00 17.54 -13.31
N SER A 29 12.67 17.47 -14.60
CA SER A 29 11.57 18.31 -15.05
C SER A 29 10.19 17.70 -14.69
N TYR A 30 10.12 16.37 -14.53
CA TYR A 30 8.91 15.73 -14.00
C TYR A 30 8.58 16.25 -12.60
N ALA A 31 9.57 16.21 -11.70
CA ALA A 31 9.47 16.82 -10.37
C ALA A 31 9.03 18.30 -10.41
N GLU A 32 9.61 19.08 -11.34
CA GLU A 32 9.39 20.51 -11.42
C GLU A 32 8.00 20.80 -11.96
N GLU A 33 7.50 19.96 -12.88
CA GLU A 33 6.09 20.06 -13.35
C GLU A 33 5.08 19.89 -12.22
N ASN A 34 5.44 19.06 -11.24
CA ASN A 34 4.55 18.71 -10.14
C ASN A 34 4.85 19.54 -8.90
N GLY A 35 5.84 20.40 -9.00
CA GLY A 35 6.22 21.30 -7.89
C GLY A 35 6.84 20.56 -6.71
N TRP A 36 7.59 19.51 -7.00
CA TRP A 36 8.23 18.71 -5.96
C TRP A 36 9.72 19.02 -5.83
N ASP A 37 10.19 19.25 -4.60
CA ASP A 37 11.61 19.20 -4.29
C ASP A 37 12.06 17.76 -4.43
N ILE A 38 13.22 17.54 -5.04
CA ILE A 38 13.70 16.17 -5.27
C ILE A 38 15.23 16.07 -5.11
N GLN A 39 15.67 14.96 -4.53
CA GLN A 39 17.08 14.60 -4.49
C GLN A 39 17.26 13.48 -5.52
N ILE A 40 18.20 13.63 -6.46
CA ILE A 40 18.41 12.60 -7.46
C ILE A 40 19.69 11.79 -7.17
N LEU A 41 19.57 10.47 -7.25
CA LEU A 41 20.68 9.52 -7.11
C LEU A 41 20.96 8.76 -8.39
N LYS A 42 22.23 8.50 -8.66
CA LYS A 42 22.57 7.77 -9.87
C LYS A 42 23.74 6.82 -9.67
N ASP A 43 23.75 5.75 -10.47
CA ASP A 43 24.95 4.91 -10.62
C ASP A 43 25.34 4.73 -12.09
N ILE A 44 26.63 4.53 -12.32
CA ILE A 44 27.10 4.00 -13.59
C ILE A 44 27.56 2.62 -13.23
N GLY A 45 26.75 1.65 -13.65
CA GLY A 45 26.98 0.24 -13.31
C GLY A 45 25.75 -0.51 -13.80
N SER A 46 25.89 -1.82 -13.98
CA SER A 46 24.84 -2.67 -14.52
C SER A 46 23.67 -2.83 -13.55
N GLY A 47 22.48 -3.07 -14.10
CA GLY A 47 21.30 -3.33 -13.28
C GLY A 47 21.25 -4.72 -12.65
N LEU A 48 22.30 -5.51 -12.89
CA LEU A 48 22.47 -6.83 -12.28
C LEU A 48 23.22 -6.69 -10.99
N ASN A 49 23.91 -5.56 -10.82
CA ASN A 49 24.76 -5.34 -9.67
C ASN A 49 23.97 -4.83 -8.44
N GLU A 50 23.69 -5.74 -7.53
CA GLU A 50 22.95 -5.42 -6.32
C GLU A 50 23.77 -4.57 -5.36
N LYS A 51 25.07 -4.43 -5.63
CA LYS A 51 25.96 -3.62 -4.79
C LYS A 51 26.18 -2.17 -5.29
N ARG A 52 25.46 -1.73 -6.31
CA ARG A 52 25.54 -0.32 -6.73
C ARG A 52 25.46 0.60 -5.50
N LYS A 53 26.42 1.50 -5.36
CA LYS A 53 26.55 2.31 -4.15
C LYS A 53 25.33 3.23 -3.88
N ASN A 54 24.90 3.96 -4.92
CA ASN A 54 23.81 4.92 -4.71
C ASN A 54 22.46 4.28 -4.63
N TYR A 55 22.30 3.21 -5.42
CA TYR A 55 21.19 2.28 -5.30
C TYR A 55 21.04 1.73 -3.86
N LYS A 56 22.11 1.25 -3.26
CA LYS A 56 22.03 0.73 -1.90
C LYS A 56 21.69 1.84 -0.91
N LYS A 57 22.19 3.05 -1.18
CA LYS A 57 21.83 4.24 -0.37
C LYS A 57 20.32 4.51 -0.41
N LEU A 58 19.77 4.48 -1.62
CA LEU A 58 18.32 4.58 -1.86
C LEU A 58 17.58 3.50 -1.08
N LEU A 59 17.93 2.23 -1.29
CA LEU A 59 17.30 1.10 -0.60
C LEU A 59 17.24 1.32 0.90
N LYS A 60 18.36 1.77 1.47
CA LYS A 60 18.43 2.00 2.92
C LYS A 60 17.48 3.13 3.36
N MSE A 61 17.41 4.22 2.60
CA MSE A 61 16.43 5.28 2.91
C MSE A 61 14.97 4.74 2.90
O MSE A 61 14.18 5.03 3.79
CB MSE A 61 16.57 6.47 1.96
CG MSE A 61 17.81 7.35 2.17
SE MSE A 61 18.12 8.66 0.65
CE MSE A 61 17.16 7.77 -0.76
N VAL A 62 14.63 3.97 1.88
CA VAL A 62 13.29 3.44 1.71
C VAL A 62 12.94 2.46 2.87
N MSE A 63 13.85 1.58 3.20
CA MSE A 63 13.61 0.64 4.29
C MSE A 63 13.52 1.32 5.65
O MSE A 63 12.97 0.74 6.57
CB MSE A 63 14.70 -0.46 4.33
CG MSE A 63 14.69 -1.43 3.13
SE MSE A 63 16.10 -2.85 3.29
CE MSE A 63 17.70 -1.76 3.34
N ASN A 64 14.08 2.52 5.78
CA ASN A 64 13.97 3.27 7.04
C ASN A 64 12.78 4.22 7.01
N ARG A 65 11.92 4.06 6.01
CA ARG A 65 10.66 4.77 5.98
C ARG A 65 10.88 6.28 5.89
N LYS A 66 11.85 6.67 5.06
CA LYS A 66 12.17 8.08 4.84
C LYS A 66 11.66 8.57 3.49
N VAL A 67 11.13 7.67 2.67
CA VAL A 67 10.85 7.96 1.26
C VAL A 67 9.39 7.74 0.91
N GLU A 68 8.79 8.75 0.28
CA GLU A 68 7.40 8.72 -0.16
C GLU A 68 7.31 8.16 -1.55
N LYS A 69 8.19 8.62 -2.47
CA LYS A 69 8.11 8.25 -3.88
C LYS A 69 9.52 8.04 -4.43
N VAL A 70 9.69 7.01 -5.27
CA VAL A 70 10.92 6.83 -6.06
C VAL A 70 10.56 6.98 -7.52
N ILE A 71 11.22 7.93 -8.19
CA ILE A 71 10.88 8.25 -9.58
C ILE A 71 11.99 7.73 -10.53
N ILE A 72 11.61 6.89 -11.48
CA ILE A 72 12.54 6.36 -12.46
C ILE A 72 11.97 6.59 -13.87
N ALA A 73 12.87 6.64 -14.86
CA ALA A 73 12.47 6.73 -16.26
C ALA A 73 11.74 5.44 -16.67
N TYR A 74 12.33 4.29 -16.36
CA TYR A 74 11.73 3.00 -16.72
C TYR A 74 12.32 1.88 -15.85
N PRO A 75 11.63 0.71 -15.75
CA PRO A 75 11.90 -0.24 -14.66
C PRO A 75 13.33 -0.78 -14.58
N ASP A 76 13.89 -1.15 -15.73
CA ASP A 76 15.16 -1.81 -15.71
C ASP A 76 16.31 -0.84 -15.41
N ARG A 77 16.00 0.45 -15.31
CA ARG A 77 16.99 1.39 -14.73
C ARG A 77 17.22 1.07 -13.26
N LEU A 78 16.15 0.69 -12.58
CA LEU A 78 16.25 0.46 -11.15
C LEU A 78 16.96 -0.89 -10.85
N THR A 79 16.54 -1.95 -11.51
CA THR A 79 17.20 -3.24 -11.37
C THR A 79 16.84 -4.07 -12.60
N ARG A 80 17.71 -5.01 -12.98
CA ARG A 80 17.43 -5.92 -14.10
C ARG A 80 16.43 -7.01 -13.76
N PHE A 81 16.64 -7.70 -12.63
CA PHE A 81 15.71 -8.73 -12.14
C PHE A 81 15.12 -8.33 -10.79
N GLY A 82 14.01 -8.96 -10.45
CA GLY A 82 13.40 -8.77 -9.13
C GLY A 82 12.68 -7.45 -8.92
N PHE A 83 12.32 -6.75 -10.00
CA PHE A 83 11.62 -5.44 -9.89
C PHE A 83 10.31 -5.55 -9.10
N GLU A 84 9.53 -6.59 -9.36
CA GLU A 84 8.26 -6.79 -8.71
C GLU A 84 8.39 -7.09 -7.21
N THR A 85 9.35 -7.92 -6.83
CA THR A 85 9.67 -8.15 -5.42
C THR A 85 10.02 -6.81 -4.77
N LEU A 86 10.86 -6.04 -5.45
CA LEU A 86 11.26 -4.73 -5.01
C LEU A 86 10.07 -3.79 -4.82
N LYS A 87 9.18 -3.76 -5.82
CA LYS A 87 8.00 -2.90 -5.78
C LYS A 87 7.13 -3.24 -4.54
N GLU A 88 6.90 -4.53 -4.30
CA GLU A 88 6.11 -4.98 -3.13
C GLU A 88 6.76 -4.57 -1.80
N PHE A 89 8.05 -4.85 -1.64
CA PHE A 89 8.71 -4.40 -0.43
C PHE A 89 8.68 -2.88 -0.25
N PHE A 90 8.86 -2.14 -1.34
CA PHE A 90 8.71 -0.68 -1.34
C PHE A 90 7.33 -0.23 -0.81
N LYS A 91 6.24 -0.79 -1.33
CA LYS A 91 4.89 -0.50 -0.81
C LYS A 91 4.77 -0.72 0.70
N SER A 92 5.39 -1.80 1.21
CA SER A 92 5.26 -2.16 2.63
C SER A 92 5.93 -1.11 3.54
N TYR A 93 6.87 -0.34 2.97
CA TYR A 93 7.47 0.80 3.68
C TYR A 93 6.71 2.11 3.41
N GLY A 94 5.67 2.07 2.59
CA GLY A 94 4.94 3.31 2.25
C GLY A 94 5.50 4.05 1.04
N THR A 95 6.20 3.31 0.18
CA THR A 95 6.89 3.92 -0.97
C THR A 95 6.35 3.47 -2.31
N GLU A 96 5.96 4.45 -3.11
CA GLU A 96 5.52 4.22 -4.48
C GLU A 96 6.69 4.32 -5.43
N ILE A 97 6.68 3.50 -6.47
CA ILE A 97 7.61 3.70 -7.59
C ILE A 97 6.90 4.35 -8.77
N VAL A 98 7.33 5.57 -9.12
CA VAL A 98 6.74 6.27 -10.26
C VAL A 98 7.58 6.06 -11.50
N ILE A 99 6.99 5.42 -12.51
CA ILE A 99 7.61 5.17 -13.80
C ILE A 99 7.16 6.19 -14.86
N ILE A 100 8.07 7.07 -15.29
CA ILE A 100 7.73 8.15 -16.21
C ILE A 100 7.46 7.65 -17.62
N ASN A 101 8.32 6.73 -18.08
CA ASN A 101 8.24 6.20 -19.45
C ASN A 101 8.15 4.68 -19.46
N LYS A 102 6.94 4.14 -19.30
CA LYS A 102 6.77 2.69 -19.19
C LYS A 102 7.39 1.93 -20.36
N LYS A 103 7.12 2.39 -21.58
CA LYS A 103 7.47 1.64 -22.80
C LYS A 103 8.84 1.98 -23.41
N HIS A 104 9.48 3.04 -22.91
CA HIS A 104 10.79 3.51 -23.39
C HIS A 104 11.72 2.37 -23.80
N LYS A 105 12.40 2.56 -24.92
CA LYS A 105 13.28 1.55 -25.49
C LYS A 105 14.56 1.40 -24.69
N THR A 106 14.76 0.23 -24.11
CA THR A 106 15.92 0.02 -23.23
C THR A 106 17.22 -0.12 -24.05
N PRO A 107 18.36 0.46 -23.56
CA PRO A 107 19.57 0.51 -24.39
C PRO A 107 20.10 -0.88 -24.70
N GLN A 108 20.32 -1.13 -25.99
CA GLN A 108 20.61 -2.44 -26.53
C GLN A 108 21.91 -3.03 -25.99
N GLU A 109 22.90 -2.18 -25.76
CA GLU A 109 24.20 -2.63 -25.30
C GLU A 109 24.18 -3.26 -23.87
N GLU A 110 23.31 -2.75 -22.99
CA GLU A 110 23.08 -3.37 -21.68
C GLU A 110 22.41 -4.75 -21.81
N LEU A 111 21.48 -4.90 -22.75
CA LEU A 111 20.90 -6.22 -23.00
C LEU A 111 21.97 -7.18 -23.44
N VAL A 112 22.88 -6.73 -24.31
CA VAL A 112 23.97 -7.56 -24.79
C VAL A 112 24.91 -7.92 -23.65
N GLU A 113 25.34 -6.92 -22.89
CA GLU A 113 26.39 -7.18 -21.91
C GLU A 113 25.87 -7.87 -20.63
N ASP A 114 24.60 -7.65 -20.28
CA ASP A 114 24.00 -8.32 -19.15
C ASP A 114 23.83 -9.79 -19.50
N LEU A 115 23.37 -10.05 -20.73
CA LEU A 115 23.27 -11.43 -21.19
C LEU A 115 24.63 -12.14 -21.17
N ILE A 116 25.68 -11.49 -21.68
CA ILE A 116 27.00 -12.11 -21.65
C ILE A 116 27.44 -12.42 -20.22
N THR A 117 27.19 -11.48 -19.30
CA THR A 117 27.53 -11.67 -17.90
C THR A 117 26.80 -12.88 -17.33
N ILE A 118 25.53 -13.01 -17.67
CA ILE A 118 24.71 -14.08 -17.11
C ILE A 118 25.08 -15.45 -17.73
N VAL A 119 25.36 -15.47 -19.03
CA VAL A 119 25.74 -16.73 -19.70
C VAL A 119 27.04 -17.25 -19.10
N SER A 120 27.98 -16.34 -18.86
CA SER A 120 29.23 -16.70 -18.21
C SER A 120 29.01 -17.34 -16.84
N HIS A 121 28.13 -16.75 -16.05
CA HIS A 121 27.89 -17.23 -14.70
C HIS A 121 27.33 -18.65 -14.75
N PHE A 122 26.30 -18.86 -15.56
CA PHE A 122 25.70 -20.18 -15.69
C PHE A 122 26.69 -21.18 -16.33
N ALA A 123 27.41 -20.74 -17.36
CA ALA A 123 28.41 -21.61 -18.01
C ALA A 123 29.45 -22.11 -16.99
N GLY A 124 29.90 -21.19 -16.12
CA GLY A 124 30.80 -21.54 -15.02
C GLY A 124 30.24 -22.61 -14.10
N LYS A 125 29.00 -22.42 -13.67
CA LYS A 125 28.36 -23.40 -12.80
C LYS A 125 28.08 -24.71 -13.52
N LEU A 126 27.68 -24.66 -14.79
CA LEU A 126 27.36 -25.86 -15.57
C LEU A 126 28.56 -26.72 -15.90
N TYR A 127 29.69 -26.09 -16.19
CA TYR A 127 30.79 -26.79 -16.82
C TYR A 127 32.14 -26.56 -16.16
N GLY A 128 32.28 -25.52 -15.35
CA GLY A 128 33.59 -25.16 -14.81
C GLY A 128 34.26 -24.08 -15.67
N MSE A 129 34.80 -23.06 -15.01
CA MSE A 129 35.52 -21.95 -15.67
C MSE A 129 36.62 -22.44 -16.63
O MSE A 129 37.41 -23.36 -16.30
CB MSE A 129 36.08 -21.01 -14.59
CG MSE A 129 36.90 -19.82 -15.11
SE MSE A 129 35.86 -18.73 -16.37
CE MSE A 129 34.37 -18.22 -15.13
N HIS A 130 36.67 -21.84 -17.82
CA HIS A 130 37.68 -22.18 -18.86
C HIS A 130 37.70 -23.65 -19.31
N SER A 131 36.66 -24.41 -18.97
CA SER A 131 36.48 -25.76 -19.53
C SER A 131 36.09 -25.65 -21.00
N HIS A 132 36.10 -26.79 -21.68
CA HIS A 132 35.79 -26.84 -23.10
C HIS A 132 34.37 -26.36 -23.34
N LYS A 133 33.43 -26.86 -22.56
CA LYS A 133 32.03 -26.46 -22.73
C LYS A 133 31.83 -24.99 -22.31
N TYR A 134 32.62 -24.51 -21.34
CA TYR A 134 32.50 -23.13 -20.93
C TYR A 134 32.86 -22.19 -22.09
N LYS A 135 34.02 -22.44 -22.72
CA LYS A 135 34.48 -21.69 -23.88
C LYS A 135 33.45 -21.77 -25.00
N LYS A 136 33.10 -22.99 -25.41
CA LYS A 136 32.10 -23.19 -26.49
C LYS A 136 30.86 -22.31 -26.34
N LEU A 137 30.16 -22.44 -25.21
CA LEU A 137 28.91 -21.74 -24.98
C LEU A 137 29.05 -20.21 -24.94
N THR A 138 30.04 -19.72 -24.18
CA THR A 138 30.25 -18.28 -24.02
C THR A 138 30.65 -17.63 -25.33
N LYS A 139 31.64 -18.19 -26.01
CA LYS A 139 32.10 -17.56 -27.23
C LYS A 139 31.11 -17.68 -28.38
N THR A 140 30.30 -18.74 -28.39
CA THR A 140 29.20 -18.83 -29.35
C THR A 140 28.17 -17.71 -29.16
N VAL A 141 27.67 -17.55 -27.92
CA VAL A 141 26.68 -16.50 -27.62
C VAL A 141 27.25 -15.10 -27.93
N LYS A 142 28.49 -14.90 -27.49
CA LYS A 142 29.25 -13.69 -27.76
C LYS A 142 29.31 -13.34 -29.24
N GLU A 143 29.50 -14.34 -30.10
CA GLU A 143 29.61 -14.10 -31.54
C GLU A 143 28.30 -13.62 -32.13
N ILE A 144 27.20 -14.19 -31.64
CA ILE A 144 25.87 -13.88 -32.12
C ILE A 144 25.45 -12.46 -31.71
N VAL A 145 25.72 -12.08 -30.46
CA VAL A 145 25.24 -10.79 -29.95
C VAL A 145 26.16 -9.57 -30.19
N ARG A 146 27.45 -9.81 -30.41
CA ARG A 146 28.40 -8.71 -30.62
C ARG A 146 28.56 -8.28 -32.07
N GLU A 147 27.70 -8.79 -32.95
CA GLU A 147 27.75 -8.39 -34.36
C GLU A 147 26.39 -7.95 -34.91
N ALA B 3 8.22 -14.21 15.66
CA ALA B 3 7.92 -15.41 16.52
C ALA B 3 7.44 -16.65 15.75
N LYS B 4 7.91 -16.82 14.53
CA LYS B 4 7.67 -18.02 13.75
C LYS B 4 8.89 -18.31 12.84
N ILE B 5 9.15 -19.60 12.68
CA ILE B 5 10.26 -20.06 11.91
C ILE B 5 9.72 -20.86 10.71
N ILE B 6 10.08 -20.43 9.50
CA ILE B 6 9.56 -21.07 8.30
C ILE B 6 10.67 -21.78 7.54
N GLY B 7 10.41 -23.01 7.14
CA GLY B 7 11.28 -23.67 6.18
C GLY B 7 10.73 -23.49 4.77
N TYR B 8 11.59 -23.18 3.82
CA TYR B 8 11.18 -23.01 2.42
C TYR B 8 11.99 -23.93 1.52
N ALA B 9 11.26 -24.75 0.79
CA ALA B 9 11.82 -25.74 -0.13
C ALA B 9 11.25 -25.54 -1.53
N ARG B 10 12.12 -25.74 -2.53
CA ARG B 10 11.73 -25.47 -3.90
C ARG B 10 12.54 -26.36 -4.84
N VAL B 11 11.84 -26.97 -5.80
CA VAL B 11 12.47 -27.56 -6.99
C VAL B 11 11.67 -27.01 -8.17
N SER B 12 12.22 -27.10 -9.38
CA SER B 12 11.61 -26.48 -10.56
C SER B 12 10.53 -27.31 -11.25
N PHE B 13 10.68 -28.64 -11.24
CA PHE B 13 9.83 -29.54 -12.01
C PHE B 13 9.25 -30.68 -11.18
N ASN B 14 8.11 -31.21 -11.62
CA ASN B 14 7.50 -32.36 -10.96
C ASN B 14 8.44 -33.56 -10.83
N ALA B 15 9.17 -33.87 -11.89
CA ALA B 15 10.17 -34.95 -11.85
C ALA B 15 11.18 -34.86 -10.68
N GLN B 16 11.36 -33.65 -10.13
CA GLN B 16 12.25 -33.45 -8.97
C GLN B 16 11.57 -33.55 -7.60
N LYS B 17 10.32 -34.03 -7.54
CA LYS B 17 9.59 -34.14 -6.27
C LYS B 17 10.37 -34.90 -5.18
N ASP B 18 11.16 -35.89 -5.59
CA ASP B 18 11.99 -36.62 -4.64
C ASP B 18 13.05 -35.73 -3.96
N ASP B 19 13.67 -34.84 -4.72
CA ASP B 19 14.58 -33.86 -4.11
C ASP B 19 13.89 -32.83 -3.18
N LEU B 20 12.67 -32.47 -3.52
CA LEU B 20 11.89 -31.53 -2.71
C LEU B 20 11.67 -32.09 -1.30
N GLU B 21 11.29 -33.37 -1.24
CA GLU B 21 11.10 -34.08 0.02
C GLU B 21 12.40 -34.24 0.80
N ARG B 22 13.50 -34.45 0.09
CA ARG B 22 14.82 -34.43 0.72
C ARG B 22 15.12 -33.08 1.38
N GLN B 23 14.84 -31.98 0.68
CA GLN B 23 14.97 -30.63 1.26
C GLN B 23 14.14 -30.48 2.53
N ILE B 24 12.91 -30.96 2.48
CA ILE B 24 12.03 -30.82 3.64
C ILE B 24 12.52 -31.62 4.86
N GLN B 25 13.08 -32.80 4.65
CA GLN B 25 13.56 -33.61 5.80
C GLN B 25 14.85 -33.02 6.35
N LEU B 26 15.70 -32.50 5.46
CA LEU B 26 16.88 -31.74 5.89
C LEU B 26 16.49 -30.56 6.78
N ILE B 27 15.52 -29.76 6.33
CA ILE B 27 15.05 -28.60 7.10
C ILE B 27 14.42 -29.02 8.43
N LYS B 28 13.52 -30.00 8.38
CA LYS B 28 12.85 -30.55 9.56
C LYS B 28 13.82 -31.13 10.58
N SER B 29 14.83 -31.86 10.14
CA SER B 29 15.72 -32.45 11.11
C SER B 29 16.67 -31.40 11.68
N TYR B 30 17.05 -30.43 10.86
CA TYR B 30 17.86 -29.30 11.33
C TYR B 30 17.18 -28.53 12.46
N ALA B 31 15.88 -28.27 12.29
CA ALA B 31 15.09 -27.51 13.26
C ALA B 31 14.83 -28.29 14.55
N GLU B 32 14.55 -29.57 14.42
CA GLU B 32 14.41 -30.42 15.58
C GLU B 32 15.73 -30.55 16.36
N GLU B 33 16.83 -30.69 15.66
CA GLU B 33 18.11 -30.82 16.35
C GLU B 33 18.45 -29.57 17.17
N ASN B 34 18.06 -28.41 16.64
CA ASN B 34 18.44 -27.12 17.21
C ASN B 34 17.37 -26.44 18.07
N GLY B 35 16.29 -27.19 18.35
CA GLY B 35 15.28 -26.71 19.29
C GLY B 35 14.27 -25.73 18.72
N TRP B 36 14.00 -25.84 17.42
CA TRP B 36 13.09 -24.89 16.75
C TRP B 36 11.78 -25.52 16.28
N ASP B 37 10.67 -24.87 16.60
CA ASP B 37 9.35 -25.19 16.05
C ASP B 37 9.16 -24.53 14.69
N ILE B 38 8.74 -25.31 13.71
CA ILE B 38 8.84 -24.91 12.33
C ILE B 38 7.56 -25.25 11.54
N GLN B 39 7.32 -24.46 10.50
CA GLN B 39 6.26 -24.68 9.53
C GLN B 39 6.96 -24.79 8.15
N ILE B 40 6.43 -25.61 7.26
CA ILE B 40 7.04 -25.75 5.94
C ILE B 40 6.21 -25.09 4.87
N LEU B 41 6.88 -24.33 4.00
CA LEU B 41 6.30 -23.81 2.78
C LEU B 41 7.09 -24.34 1.58
N LYS B 42 6.40 -24.65 0.49
CA LYS B 42 7.07 -25.28 -0.64
C LYS B 42 6.46 -24.91 -1.97
N ASP B 43 7.30 -24.81 -3.00
CA ASP B 43 6.79 -24.63 -4.36
C ASP B 43 7.49 -25.54 -5.33
N ILE B 44 6.73 -25.92 -6.35
CA ILE B 44 7.32 -26.43 -7.57
C ILE B 44 7.30 -25.32 -8.60
N GLY B 45 8.49 -24.78 -8.89
CA GLY B 45 8.65 -23.66 -9.82
C GLY B 45 10.06 -23.11 -9.75
N SER B 46 10.42 -22.34 -10.77
CA SER B 46 11.75 -21.81 -10.93
C SER B 46 12.04 -20.70 -9.92
N GLY B 47 13.28 -20.67 -9.43
CA GLY B 47 13.75 -19.57 -8.61
C GLY B 47 13.78 -18.23 -9.32
N LEU B 48 13.48 -18.24 -10.63
CA LEU B 48 13.38 -17.02 -11.42
C LEU B 48 11.97 -16.47 -11.31
N ASN B 49 11.01 -17.31 -10.92
CA ASN B 49 9.61 -16.94 -10.89
C ASN B 49 9.25 -16.24 -9.57
N GLU B 50 9.06 -14.93 -9.68
CA GLU B 50 8.73 -14.10 -8.54
C GLU B 50 7.29 -14.29 -8.07
N LYS B 51 6.49 -14.97 -8.89
CA LYS B 51 5.07 -15.20 -8.59
C LYS B 51 4.73 -16.60 -8.05
N ARG B 52 5.74 -17.39 -7.66
CA ARG B 52 5.50 -18.69 -7.00
C ARG B 52 4.59 -18.45 -5.79
N LYS B 53 3.60 -19.31 -5.61
CA LYS B 53 2.51 -19.07 -4.64
C LYS B 53 3.03 -18.92 -3.21
N ASN B 54 3.74 -19.93 -2.72
CA ASN B 54 4.19 -19.91 -1.34
C ASN B 54 5.33 -18.96 -1.05
N TYR B 55 6.14 -18.71 -2.08
CA TYR B 55 7.14 -17.68 -2.00
C TYR B 55 6.46 -16.32 -1.77
N LYS B 56 5.42 -16.02 -2.55
CA LYS B 56 4.64 -14.78 -2.32
C LYS B 56 4.08 -14.71 -0.90
N LYS B 57 3.51 -15.82 -0.45
CA LYS B 57 2.94 -15.93 0.86
C LYS B 57 4.00 -15.69 1.94
N LEU B 58 5.20 -16.24 1.74
CA LEU B 58 6.30 -16.09 2.64
C LEU B 58 6.75 -14.62 2.72
N LEU B 59 6.93 -13.96 1.57
CA LEU B 59 7.29 -12.55 1.55
C LEU B 59 6.26 -11.70 2.28
N LYS B 60 4.97 -12.02 2.13
CA LYS B 60 3.94 -11.25 2.85
C LYS B 60 4.06 -11.49 4.36
N MSE B 61 4.27 -12.74 4.74
CA MSE B 61 4.43 -13.05 6.14
C MSE B 61 5.60 -12.24 6.72
O MSE B 61 5.44 -11.66 7.78
CB MSE B 61 4.59 -14.53 6.39
CG MSE B 61 3.34 -15.38 6.08
SE MSE B 61 3.86 -17.25 6.27
CE MSE B 61 3.74 -17.33 8.21
N VAL B 62 6.72 -12.18 5.99
CA VAL B 62 7.89 -11.38 6.45
C VAL B 62 7.53 -9.90 6.59
N MSE B 63 6.84 -9.35 5.59
CA MSE B 63 6.42 -7.93 5.65
C MSE B 63 5.47 -7.66 6.79
O MSE B 63 5.33 -6.52 7.24
CB MSE B 63 5.76 -7.50 4.33
CG MSE B 63 6.75 -7.37 3.19
SE MSE B 63 5.80 -7.08 1.52
CE MSE B 63 5.91 -8.78 0.65
N ASN B 64 4.73 -8.69 7.19
CA ASN B 64 3.82 -8.58 8.33
C ASN B 64 4.51 -8.87 9.68
N ARG B 65 5.84 -9.01 9.68
CA ARG B 65 6.59 -9.29 10.92
C ARG B 65 6.15 -10.54 11.65
N LYS B 66 5.79 -11.58 10.90
CA LYS B 66 5.42 -12.86 11.46
C LYS B 66 6.58 -13.85 11.50
N VAL B 67 7.71 -13.54 10.87
CA VAL B 67 8.74 -14.56 10.69
C VAL B 67 10.05 -14.15 11.36
N GLU B 68 10.54 -14.96 12.27
CA GLU B 68 11.85 -14.71 12.86
C GLU B 68 13.00 -15.27 11.99
N LYS B 69 12.77 -16.43 11.36
CA LYS B 69 13.80 -17.10 10.60
C LYS B 69 13.21 -17.84 9.41
N VAL B 70 13.94 -17.83 8.30
CA VAL B 70 13.61 -18.60 7.13
C VAL B 70 14.77 -19.59 6.93
N ILE B 71 14.45 -20.88 6.84
CA ILE B 71 15.45 -21.93 6.72
C ILE B 71 15.36 -22.49 5.35
N ILE B 72 16.48 -22.47 4.63
CA ILE B 72 16.56 -23.07 3.30
C ILE B 72 17.79 -23.98 3.23
N ALA B 73 17.76 -24.94 2.29
CA ALA B 73 18.91 -25.84 2.09
C ALA B 73 20.11 -25.11 1.53
N TYR B 74 19.86 -24.23 0.55
CA TYR B 74 20.98 -23.47 -0.07
C TYR B 74 20.36 -22.30 -0.81
N PRO B 75 21.13 -21.19 -1.02
CA PRO B 75 20.54 -19.89 -1.36
C PRO B 75 19.60 -19.91 -2.58
N ASP B 76 19.95 -20.67 -3.63
CA ASP B 76 19.13 -20.57 -4.86
C ASP B 76 17.80 -21.31 -4.78
N ARG B 77 17.55 -21.95 -3.64
CA ARG B 77 16.22 -22.50 -3.39
C ARG B 77 15.21 -21.36 -3.22
N LEU B 78 15.66 -20.29 -2.58
CA LEU B 78 14.78 -19.14 -2.31
C LEU B 78 14.53 -18.29 -3.57
N THR B 79 15.61 -17.92 -4.27
CA THR B 79 15.47 -17.11 -5.50
C THR B 79 16.76 -17.29 -6.27
N ARG B 80 16.69 -17.23 -7.59
CA ARG B 80 17.87 -17.37 -8.42
C ARG B 80 18.71 -16.11 -8.38
N PHE B 81 18.03 -14.97 -8.53
CA PHE B 81 18.65 -13.63 -8.44
C PHE B 81 18.10 -12.80 -7.30
N GLY B 82 18.85 -11.77 -6.91
CA GLY B 82 18.38 -10.79 -5.99
C GLY B 82 18.45 -11.28 -4.55
N PHE B 83 19.21 -12.36 -4.32
CA PHE B 83 19.27 -12.97 -2.98
C PHE B 83 19.71 -11.99 -1.90
N GLU B 84 20.76 -11.23 -2.17
CA GLU B 84 21.32 -10.35 -1.15
C GLU B 84 20.40 -9.16 -0.84
N THR B 85 19.69 -8.67 -1.85
CA THR B 85 18.73 -7.57 -1.68
C THR B 85 17.55 -8.09 -0.86
N LEU B 86 17.11 -9.31 -1.17
CA LEU B 86 16.03 -9.96 -0.46
C LEU B 86 16.34 -10.18 1.03
N LYS B 87 17.55 -10.66 1.28
CA LYS B 87 18.10 -10.87 2.61
C LYS B 87 18.08 -9.58 3.45
N GLU B 88 18.44 -8.45 2.84
CA GLU B 88 18.36 -7.17 3.52
C GLU B 88 16.91 -6.71 3.79
N PHE B 89 16.00 -6.92 2.84
CA PHE B 89 14.56 -6.69 3.08
C PHE B 89 14.09 -7.53 4.28
N PHE B 90 14.44 -8.82 4.27
CA PHE B 90 14.18 -9.70 5.42
C PHE B 90 14.72 -9.15 6.73
N LYS B 91 15.99 -8.79 6.76
CA LYS B 91 16.59 -8.16 7.94
C LYS B 91 15.79 -6.98 8.47
N SER B 92 15.30 -6.12 7.58
CA SER B 92 14.54 -4.91 7.99
C SER B 92 13.28 -5.30 8.76
N TYR B 93 12.77 -6.52 8.52
CA TYR B 93 11.60 -7.02 9.22
C TYR B 93 11.91 -8.07 10.29
N GLY B 94 13.14 -8.10 10.78
CA GLY B 94 13.51 -8.99 11.89
C GLY B 94 13.78 -10.44 11.48
N THR B 95 13.88 -10.69 10.17
CA THR B 95 13.90 -12.04 9.63
C THR B 95 15.29 -12.43 9.17
N GLU B 96 15.83 -13.48 9.79
CA GLU B 96 17.14 -14.06 9.41
C GLU B 96 16.92 -15.20 8.43
N ILE B 97 17.81 -15.31 7.42
CA ILE B 97 17.84 -16.48 6.56
C ILE B 97 18.92 -17.44 7.06
N VAL B 98 18.51 -18.67 7.39
CA VAL B 98 19.40 -19.73 7.79
C VAL B 98 19.62 -20.65 6.57
N ILE B 99 20.87 -20.82 6.16
CA ILE B 99 21.20 -21.68 5.03
C ILE B 99 21.86 -22.95 5.58
N ILE B 100 21.29 -24.10 5.31
CA ILE B 100 21.80 -25.34 5.86
C ILE B 100 23.10 -25.77 5.20
N ASN B 101 23.12 -25.82 3.87
CA ASN B 101 24.26 -26.37 3.15
C ASN B 101 24.71 -25.34 2.14
N LYS B 102 25.56 -24.44 2.60
CA LYS B 102 26.10 -23.33 1.84
C LYS B 102 26.76 -23.72 0.49
N LYS B 103 27.58 -24.78 0.53
CA LYS B 103 28.36 -25.21 -0.62
C LYS B 103 27.64 -26.21 -1.55
N HIS B 104 26.41 -26.59 -1.20
CA HIS B 104 25.65 -27.62 -1.93
C HIS B 104 25.60 -27.40 -3.43
N LYS B 105 25.79 -28.48 -4.21
CA LYS B 105 25.71 -28.40 -5.69
C LYS B 105 24.27 -28.27 -6.17
N THR B 106 23.99 -27.14 -6.81
CA THR B 106 22.69 -26.88 -7.39
C THR B 106 22.35 -27.83 -8.58
N PRO B 107 21.09 -28.32 -8.66
CA PRO B 107 20.75 -29.30 -9.73
C PRO B 107 20.98 -28.80 -11.14
N GLN B 108 21.74 -29.57 -11.91
CA GLN B 108 22.11 -29.21 -13.27
C GLN B 108 20.92 -28.77 -14.15
N GLU B 109 19.83 -29.52 -14.13
CA GLU B 109 18.70 -29.23 -15.01
C GLU B 109 18.06 -27.88 -14.75
N GLU B 110 18.05 -27.40 -13.51
CA GLU B 110 17.56 -26.05 -13.22
C GLU B 110 18.50 -25.03 -13.83
N LEU B 111 19.79 -25.32 -13.84
CA LEU B 111 20.75 -24.42 -14.44
C LEU B 111 20.47 -24.33 -15.94
N VAL B 112 20.30 -25.51 -16.55
CA VAL B 112 20.01 -25.61 -17.98
C VAL B 112 18.75 -24.81 -18.30
N GLU B 113 17.67 -25.07 -17.58
CA GLU B 113 16.41 -24.45 -17.94
C GLU B 113 16.29 -23.00 -17.49
N ASP B 114 16.97 -22.61 -16.42
CA ASP B 114 16.91 -21.20 -16.05
C ASP B 114 17.69 -20.39 -17.10
N LEU B 115 18.80 -20.95 -17.58
CA LEU B 115 19.58 -20.28 -18.65
C LEU B 115 18.73 -20.10 -19.91
N ILE B 116 18.04 -21.17 -20.32
CA ILE B 116 17.15 -21.12 -21.46
C ILE B 116 16.10 -20.02 -21.28
N THR B 117 15.48 -19.94 -20.09
CA THR B 117 14.50 -18.91 -19.78
C THR B 117 15.10 -17.51 -19.88
N ILE B 118 16.32 -17.34 -19.40
CA ILE B 118 16.92 -16.01 -19.36
C ILE B 118 17.30 -15.59 -20.77
N VAL B 119 17.83 -16.54 -21.52
CA VAL B 119 18.22 -16.29 -22.88
C VAL B 119 17.00 -15.90 -23.74
N SER B 120 15.87 -16.56 -23.51
CA SER B 120 14.61 -16.22 -24.20
C SER B 120 14.09 -14.79 -23.86
N HIS B 121 14.12 -14.40 -22.58
CA HIS B 121 13.75 -13.02 -22.17
C HIS B 121 14.63 -11.99 -22.90
N PHE B 122 15.96 -12.19 -22.86
CA PHE B 122 16.90 -11.24 -23.44
C PHE B 122 16.80 -11.20 -24.96
N ALA B 123 16.70 -12.37 -25.58
CA ALA B 123 16.48 -12.49 -27.01
C ALA B 123 15.21 -11.77 -27.48
N GLY B 124 14.13 -11.90 -26.73
CA GLY B 124 12.89 -11.22 -27.02
C GLY B 124 13.03 -9.71 -26.94
N LYS B 125 13.76 -9.23 -25.94
CA LYS B 125 14.06 -7.82 -25.81
C LYS B 125 15.02 -7.34 -26.93
N LEU B 126 15.97 -8.19 -27.31
CA LEU B 126 16.99 -7.82 -28.30
C LEU B 126 16.44 -7.68 -29.71
N TYR B 127 15.56 -8.60 -30.09
CA TYR B 127 15.25 -8.82 -31.50
C TYR B 127 13.76 -8.93 -31.79
N GLY B 128 12.95 -9.01 -30.74
CA GLY B 128 11.50 -9.23 -30.87
C GLY B 128 11.17 -10.70 -30.79
N MSE B 129 10.14 -11.04 -30.03
CA MSE B 129 9.66 -12.40 -29.86
C MSE B 129 9.44 -13.12 -31.20
O MSE B 129 8.74 -12.60 -32.07
CB MSE B 129 8.34 -12.39 -29.07
CG MSE B 129 7.83 -13.77 -28.67
SE MSE B 129 8.98 -14.60 -27.34
CE MSE B 129 8.43 -16.44 -27.61
N HIS B 130 10.07 -14.29 -31.34
CA HIS B 130 9.91 -15.17 -32.50
C HIS B 130 10.44 -14.67 -33.84
N SER B 131 11.22 -13.60 -33.82
CA SER B 131 11.93 -13.13 -35.01
C SER B 131 13.09 -14.08 -35.33
N HIS B 132 13.75 -13.81 -36.44
CA HIS B 132 14.80 -14.66 -36.97
C HIS B 132 16.01 -14.72 -36.03
N LYS B 133 16.51 -13.56 -35.60
CA LYS B 133 17.66 -13.51 -34.67
C LYS B 133 17.28 -14.11 -33.32
N TYR B 134 16.06 -13.83 -32.85
CA TYR B 134 15.49 -14.47 -31.67
C TYR B 134 15.62 -15.99 -31.73
N LYS B 135 15.14 -16.58 -32.82
CA LYS B 135 15.10 -18.02 -32.97
C LYS B 135 16.51 -18.58 -33.13
N LYS B 136 17.38 -17.82 -33.79
CA LYS B 136 18.78 -18.20 -33.91
C LYS B 136 19.44 -18.29 -32.53
N LEU B 137 19.33 -17.23 -31.74
CA LEU B 137 20.03 -17.17 -30.45
C LEU B 137 19.54 -18.25 -29.50
N THR B 138 18.22 -18.32 -29.30
CA THR B 138 17.58 -19.28 -28.39
C THR B 138 17.82 -20.73 -28.79
N LYS B 139 17.80 -21.00 -30.09
CA LYS B 139 18.00 -22.36 -30.58
C LYS B 139 19.47 -22.80 -30.49
N THR B 140 20.39 -21.88 -30.79
CA THR B 140 21.83 -22.18 -30.66
C THR B 140 22.17 -22.49 -29.19
N VAL B 141 21.65 -21.68 -28.27
CA VAL B 141 21.87 -21.96 -26.86
C VAL B 141 21.24 -23.29 -26.43
N LYS B 142 19.97 -23.50 -26.78
CA LYS B 142 19.24 -24.75 -26.51
C LYS B 142 20.02 -26.01 -26.94
N GLU B 143 20.57 -25.99 -28.15
CA GLU B 143 21.27 -27.14 -28.71
C GLU B 143 22.49 -27.51 -27.87
N ILE B 144 23.19 -26.49 -27.40
CA ILE B 144 24.40 -26.68 -26.58
C ILE B 144 24.11 -27.21 -25.18
N VAL B 145 23.17 -26.60 -24.46
CA VAL B 145 22.95 -26.94 -23.05
C VAL B 145 22.13 -28.22 -22.78
N ARG B 146 21.40 -28.70 -23.78
CA ARG B 146 20.51 -29.86 -23.58
C ARG B 146 21.07 -31.24 -24.00
N GLU B 147 22.29 -31.27 -24.53
CA GLU B 147 22.92 -32.54 -24.89
C GLU B 147 23.60 -33.21 -23.69
N ASN C 2 1.18 19.42 -3.92
CA ASN C 2 1.79 20.36 -4.95
C ASN C 2 1.51 20.03 -6.45
N ALA C 3 1.03 21.03 -7.21
CA ALA C 3 0.79 20.94 -8.70
C ALA C 3 -0.46 21.70 -9.20
N LYS C 4 -1.65 21.17 -8.94
CA LYS C 4 -2.82 21.90 -9.37
C LYS C 4 -3.91 22.10 -8.31
N ILE C 5 -4.98 22.70 -8.78
CA ILE C 5 -6.05 23.21 -7.95
C ILE C 5 -7.33 22.58 -8.45
N ILE C 6 -8.05 21.97 -7.53
CA ILE C 6 -9.24 21.22 -7.92
C ILE C 6 -10.40 21.86 -7.22
N GLY C 7 -11.43 22.18 -7.98
CA GLY C 7 -12.72 22.57 -7.41
C GLY C 7 -13.51 21.29 -7.20
N TYR C 8 -14.06 21.09 -6.00
CA TYR C 8 -14.93 19.94 -5.76
C TYR C 8 -16.35 20.42 -5.47
N ALA C 9 -17.30 19.93 -6.26
CA ALA C 9 -18.70 20.27 -6.12
C ALA C 9 -19.50 18.99 -5.93
N ARG C 10 -20.57 19.05 -5.13
CA ARG C 10 -21.39 17.88 -4.84
C ARG C 10 -22.80 18.31 -4.43
N VAL C 11 -23.79 17.53 -4.87
CA VAL C 11 -25.16 17.56 -4.37
C VAL C 11 -25.62 16.09 -4.25
N SER C 12 -26.67 15.84 -3.49
CA SER C 12 -27.10 14.47 -3.21
C SER C 12 -27.95 13.86 -4.32
N PHE C 13 -28.82 14.67 -4.92
CA PHE C 13 -29.85 14.18 -5.84
C PHE C 13 -29.80 14.90 -7.17
N ASN C 14 -30.13 14.15 -8.22
CA ASN C 14 -30.24 14.67 -9.58
C ASN C 14 -31.10 15.93 -9.67
N ALA C 15 -32.15 16.02 -8.86
CA ALA C 15 -33.00 17.22 -8.83
C ALA C 15 -32.27 18.48 -8.33
N GLN C 16 -31.09 18.30 -7.76
CA GLN C 16 -30.31 19.43 -7.30
C GLN C 16 -29.30 19.95 -8.34
N LYS C 17 -29.37 19.43 -9.55
CA LYS C 17 -28.40 19.77 -10.61
C LYS C 17 -28.21 21.27 -10.86
N ASP C 18 -29.21 22.07 -10.52
CA ASP C 18 -29.14 23.53 -10.66
C ASP C 18 -28.20 24.14 -9.62
N ASP C 19 -28.25 23.60 -8.40
CA ASP C 19 -27.35 24.01 -7.34
C ASP C 19 -25.93 23.55 -7.63
N LEU C 20 -25.80 22.37 -8.22
CA LEU C 20 -24.49 21.79 -8.47
C LEU C 20 -23.73 22.70 -9.41
N GLU C 21 -24.41 23.18 -10.44
CA GLU C 21 -23.82 24.07 -11.43
C GLU C 21 -23.49 25.43 -10.82
N ARG C 22 -24.33 25.90 -9.91
CA ARG C 22 -24.08 27.11 -9.14
C ARG C 22 -22.81 27.02 -8.29
N GLN C 23 -22.60 25.91 -7.56
CA GLN C 23 -21.34 25.70 -6.83
C GLN C 23 -20.18 25.85 -7.80
N ILE C 24 -20.34 25.25 -8.98
CA ILE C 24 -19.24 25.15 -9.94
C ILE C 24 -18.90 26.52 -10.50
N GLN C 25 -19.93 27.30 -10.84
CA GLN C 25 -19.77 28.70 -11.25
C GLN C 25 -19.15 29.55 -10.13
N LEU C 26 -19.59 29.35 -8.90
CA LEU C 26 -18.97 30.04 -7.76
C LEU C 26 -17.45 29.73 -7.64
N ILE C 27 -17.10 28.45 -7.76
CA ILE C 27 -15.71 28.04 -7.65
C ILE C 27 -14.89 28.61 -8.82
N LYS C 28 -15.41 28.46 -10.03
CA LYS C 28 -14.72 28.99 -11.21
C LYS C 28 -14.48 30.50 -11.14
N SER C 29 -15.47 31.25 -10.67
CA SER C 29 -15.26 32.70 -10.64
C SER C 29 -14.27 33.10 -9.53
N TYR C 30 -14.35 32.42 -8.38
CA TYR C 30 -13.37 32.61 -7.31
C TYR C 30 -11.94 32.32 -7.80
N ALA C 31 -11.77 31.24 -8.55
CA ALA C 31 -10.46 30.87 -9.09
C ALA C 31 -9.94 31.91 -10.08
N GLU C 32 -10.78 32.27 -11.04
CA GLU C 32 -10.43 33.25 -12.06
C GLU C 32 -10.07 34.60 -11.41
N GLU C 33 -10.91 35.05 -10.48
CA GLU C 33 -10.67 36.31 -9.80
C GLU C 33 -9.35 36.31 -9.04
N ASN C 34 -8.96 35.16 -8.49
CA ASN C 34 -7.75 35.08 -7.68
C ASN C 34 -6.48 34.63 -8.37
N GLY C 35 -6.55 34.49 -9.69
CA GLY C 35 -5.39 34.13 -10.50
C GLY C 35 -5.03 32.66 -10.48
N TRP C 36 -6.01 31.80 -10.34
CA TRP C 36 -5.73 30.36 -10.18
C TRP C 36 -6.21 29.52 -11.35
N ASP C 37 -5.36 28.62 -11.86
CA ASP C 37 -5.81 27.65 -12.86
C ASP C 37 -6.40 26.42 -12.18
N ILE C 38 -7.63 26.05 -12.54
CA ILE C 38 -8.32 24.93 -11.86
C ILE C 38 -8.93 23.87 -12.77
N GLN C 39 -9.23 22.72 -12.20
CA GLN C 39 -10.09 21.74 -12.85
C GLN C 39 -11.16 21.37 -11.84
N ILE C 40 -12.28 20.89 -12.35
CA ILE C 40 -13.47 20.68 -11.55
C ILE C 40 -13.71 19.19 -11.43
N LEU C 41 -13.85 18.72 -10.19
CA LEU C 41 -14.44 17.41 -9.94
C LEU C 41 -15.82 17.58 -9.28
N LYS C 42 -16.77 16.76 -9.69
CA LYS C 42 -18.12 16.79 -9.12
C LYS C 42 -18.70 15.37 -8.93
N ASP C 43 -19.65 15.25 -8.01
CA ASP C 43 -20.40 14.00 -7.77
C ASP C 43 -21.88 14.33 -7.50
N ILE C 44 -22.79 13.50 -8.02
CA ILE C 44 -24.15 13.42 -7.51
C ILE C 44 -24.13 12.32 -6.45
N GLY C 45 -24.32 12.67 -5.19
CA GLY C 45 -24.23 11.70 -4.08
C GLY C 45 -24.11 12.34 -2.70
N SER C 46 -24.44 11.59 -1.65
CA SER C 46 -24.45 12.15 -0.30
C SER C 46 -23.02 12.34 0.23
N GLY C 47 -22.83 13.39 1.04
CA GLY C 47 -21.59 13.57 1.76
C GLY C 47 -21.29 12.50 2.82
N LEU C 48 -22.24 11.62 3.07
CA LEU C 48 -22.00 10.45 3.93
C LEU C 48 -21.33 9.33 3.15
N ASN C 49 -21.38 9.38 1.82
CA ASN C 49 -20.94 8.26 1.02
C ASN C 49 -19.47 8.33 0.62
N GLU C 50 -18.65 7.55 1.31
CA GLU C 50 -17.20 7.60 1.10
C GLU C 50 -16.74 7.02 -0.24
N LYS C 51 -17.65 6.38 -0.96
CA LYS C 51 -17.29 5.75 -2.22
C LYS C 51 -17.68 6.61 -3.41
N ARG C 52 -18.04 7.87 -3.17
CA ARG C 52 -18.34 8.76 -4.26
C ARG C 52 -17.16 8.71 -5.24
N LYS C 53 -17.46 8.46 -6.51
CA LYS C 53 -16.45 8.25 -7.56
C LYS C 53 -15.37 9.34 -7.61
N ASN C 54 -15.78 10.59 -7.74
CA ASN C 54 -14.80 11.66 -7.94
C ASN C 54 -14.18 12.10 -6.65
N TYR C 55 -14.89 11.82 -5.56
CA TYR C 55 -14.33 11.98 -4.23
C TYR C 55 -13.16 11.00 -4.07
N LYS C 56 -13.38 9.72 -4.37
CA LYS C 56 -12.26 8.75 -4.31
C LYS C 56 -11.10 9.16 -5.22
N LYS C 57 -11.44 9.70 -6.41
CA LYS C 57 -10.44 10.20 -7.35
C LYS C 57 -9.63 11.36 -6.74
N LEU C 58 -10.32 12.34 -6.15
CA LEU C 58 -9.63 13.43 -5.49
C LEU C 58 -8.68 12.94 -4.41
N LEU C 59 -9.15 12.03 -3.55
CA LEU C 59 -8.32 11.58 -2.43
C LEU C 59 -7.02 10.91 -2.92
N LYS C 60 -7.12 10.12 -3.99
CA LYS C 60 -5.94 9.46 -4.55
C LYS C 60 -4.95 10.50 -5.13
N MSE C 61 -5.48 11.56 -5.74
CA MSE C 61 -4.65 12.68 -6.21
C MSE C 61 -3.91 13.37 -5.09
O MSE C 61 -2.72 13.67 -5.22
CB MSE C 61 -5.50 13.71 -6.96
CG MSE C 61 -5.83 13.28 -8.39
SE MSE C 61 -7.27 14.39 -9.19
CE MSE C 61 -6.15 15.40 -10.40
N VAL C 62 -4.61 13.62 -3.97
CA VAL C 62 -3.97 14.19 -2.77
C VAL C 62 -2.82 13.30 -2.28
N MSE C 63 -3.07 12.00 -2.18
CA MSE C 63 -2.05 11.08 -1.72
C MSE C 63 -0.91 10.96 -2.69
O MSE C 63 0.21 10.59 -2.30
CB MSE C 63 -2.64 9.67 -1.48
CG MSE C 63 -3.68 9.67 -0.36
SE MSE C 63 -4.55 7.92 -0.28
CE MSE C 63 -6.05 8.09 -1.45
N ASN C 64 -1.15 11.28 -3.96
CA ASN C 64 -0.06 11.31 -4.93
C ASN C 64 0.68 12.66 -4.98
N ARG C 65 0.32 13.54 -4.06
CA ARG C 65 0.90 14.87 -3.95
C ARG C 65 0.77 15.66 -5.25
N LYS C 66 -0.39 15.51 -5.90
CA LYS C 66 -0.71 16.23 -7.12
C LYS C 66 -1.56 17.46 -6.87
N VAL C 67 -2.00 17.67 -5.62
CA VAL C 67 -2.97 18.74 -5.35
C VAL C 67 -2.44 19.81 -4.37
N GLU C 68 -2.37 21.05 -4.82
CA GLU C 68 -1.96 22.16 -3.98
C GLU C 68 -3.13 22.71 -3.13
N LYS C 69 -4.33 22.81 -3.74
CA LYS C 69 -5.49 23.37 -3.09
C LYS C 69 -6.74 22.65 -3.59
N VAL C 70 -7.70 22.44 -2.70
CA VAL C 70 -9.01 21.93 -3.08
C VAL C 70 -9.98 23.05 -2.74
N ILE C 71 -10.79 23.49 -3.71
CA ILE C 71 -11.76 24.57 -3.45
C ILE C 71 -13.13 23.99 -3.39
N ILE C 72 -13.85 24.34 -2.34
CA ILE C 72 -15.24 23.92 -2.16
C ILE C 72 -16.10 25.13 -1.77
N ALA C 73 -17.38 25.08 -2.10
CA ALA C 73 -18.27 26.21 -1.74
C ALA C 73 -18.42 26.37 -0.21
N TYR C 74 -18.55 25.25 0.49
CA TYR C 74 -18.71 25.20 1.96
C TYR C 74 -18.37 23.78 2.44
N PRO C 75 -18.03 23.59 3.74
CA PRO C 75 -17.44 22.32 4.23
C PRO C 75 -18.19 21.02 3.92
N ASP C 76 -19.49 20.99 4.16
CA ASP C 76 -20.23 19.74 4.00
C ASP C 76 -20.41 19.33 2.52
N ARG C 77 -19.92 20.14 1.59
CA ARG C 77 -19.88 19.70 0.19
C ARG C 77 -18.85 18.58 0.03
N LEU C 78 -17.76 18.67 0.79
CA LEU C 78 -16.69 17.70 0.70
C LEU C 78 -17.05 16.38 1.42
N THR C 79 -17.59 16.52 2.62
CA THR C 79 -17.95 15.38 3.47
C THR C 79 -18.83 15.86 4.62
N ARG C 80 -19.78 15.03 5.04
CA ARG C 80 -20.70 15.36 6.12
C ARG C 80 -19.95 15.33 7.46
N PHE C 81 -19.21 14.23 7.66
CA PHE C 81 -18.44 13.99 8.86
C PHE C 81 -16.95 13.75 8.56
N GLY C 82 -16.11 13.97 9.57
CA GLY C 82 -14.69 13.69 9.46
C GLY C 82 -13.91 14.77 8.75
N PHE C 83 -14.49 15.97 8.67
CA PHE C 83 -13.85 17.08 7.96
C PHE C 83 -12.44 17.42 8.52
N GLU C 84 -12.32 17.57 9.83
CA GLU C 84 -11.04 17.98 10.42
C GLU C 84 -9.98 16.93 10.17
N THR C 85 -10.40 15.66 10.20
CA THR C 85 -9.44 14.57 10.05
C THR C 85 -8.96 14.54 8.59
N LEU C 86 -9.90 14.76 7.67
CA LEU C 86 -9.63 14.78 6.25
C LEU C 86 -8.66 15.93 5.94
N LYS C 87 -8.93 17.06 6.55
CA LYS C 87 -8.15 18.25 6.38
C LYS C 87 -6.68 18.08 6.84
N GLU C 88 -6.48 17.47 8.00
CA GLU C 88 -5.14 17.11 8.47
C GLU C 88 -4.40 16.13 7.53
N PHE C 89 -5.11 15.12 7.02
CA PHE C 89 -4.54 14.24 5.96
C PHE C 89 -4.17 15.00 4.67
N PHE C 90 -5.07 15.85 4.18
CA PHE C 90 -4.76 16.69 3.01
C PHE C 90 -3.49 17.50 3.23
N LYS C 91 -3.41 18.08 4.41
CA LYS C 91 -2.31 18.93 4.81
C LYS C 91 -0.95 18.19 4.84
N SER C 92 -0.91 16.91 5.26
CA SER C 92 0.36 16.17 5.29
C SER C 92 0.91 15.95 3.87
N TYR C 93 0.05 16.05 2.87
CA TYR C 93 0.43 15.97 1.47
C TYR C 93 0.44 17.34 0.77
N GLY C 94 0.58 18.42 1.52
CA GLY C 94 0.71 19.78 0.97
C GLY C 94 -0.55 20.40 0.40
N THR C 95 -1.71 19.81 0.72
CA THR C 95 -2.99 20.27 0.19
C THR C 95 -3.78 21.12 1.18
N GLU C 96 -4.07 22.36 0.78
CA GLU C 96 -4.92 23.25 1.55
C GLU C 96 -6.37 23.13 1.06
N ILE C 97 -7.33 23.13 1.97
CA ILE C 97 -8.75 23.21 1.60
C ILE C 97 -9.21 24.69 1.65
N VAL C 98 -9.62 25.21 0.49
CA VAL C 98 -10.13 26.59 0.40
C VAL C 98 -11.65 26.57 0.44
N ILE C 99 -12.20 27.24 1.44
CA ILE C 99 -13.64 27.27 1.63
C ILE C 99 -14.13 28.64 1.26
N ILE C 100 -15.01 28.73 0.27
CA ILE C 100 -15.47 30.03 -0.25
C ILE C 100 -16.40 30.79 0.72
N ASN C 101 -17.44 30.11 1.19
CA ASN C 101 -18.35 30.68 2.19
C ASN C 101 -18.64 29.69 3.31
N LYS C 102 -17.94 29.84 4.41
CA LYS C 102 -18.07 28.93 5.54
C LYS C 102 -19.51 28.89 6.07
N LYS C 103 -20.21 30.02 5.97
CA LYS C 103 -21.54 30.16 6.54
C LYS C 103 -22.72 30.05 5.55
N HIS C 104 -22.42 29.69 4.29
CA HIS C 104 -23.45 29.32 3.30
C HIS C 104 -24.54 28.44 3.91
N LYS C 105 -25.80 28.80 3.65
CA LYS C 105 -26.97 27.99 4.04
C LYS C 105 -26.88 26.59 3.42
N THR C 106 -26.91 25.54 4.24
CA THR C 106 -26.82 24.18 3.70
C THR C 106 -28.19 23.58 3.34
N PRO C 107 -28.27 22.85 2.20
CA PRO C 107 -29.57 22.35 1.71
C PRO C 107 -30.32 21.49 2.74
N GLN C 108 -31.55 21.89 3.03
CA GLN C 108 -32.37 21.15 3.99
C GLN C 108 -32.73 19.75 3.52
N GLU C 109 -32.96 19.56 2.22
CA GLU C 109 -33.24 18.22 1.73
C GLU C 109 -32.13 17.25 2.11
N GLU C 110 -30.88 17.66 1.96
CA GLU C 110 -29.76 16.79 2.33
C GLU C 110 -29.69 16.59 3.84
N LEU C 111 -30.06 17.60 4.62
CA LEU C 111 -30.03 17.41 6.05
C LEU C 111 -31.07 16.35 6.47
N VAL C 112 -32.25 16.41 5.86
CA VAL C 112 -33.30 15.43 6.13
C VAL C 112 -32.89 14.02 5.71
N GLU C 113 -32.34 13.86 4.51
CA GLU C 113 -31.96 12.53 4.03
C GLU C 113 -30.79 11.91 4.76
N ASP C 114 -29.81 12.72 5.14
CA ASP C 114 -28.64 12.20 5.82
C ASP C 114 -29.01 11.75 7.24
N LEU C 115 -29.92 12.50 7.87
CA LEU C 115 -30.45 12.12 9.17
C LEU C 115 -31.22 10.80 9.11
N ILE C 116 -32.03 10.63 8.07
CA ILE C 116 -32.82 9.40 7.90
C ILE C 116 -31.87 8.21 7.67
N THR C 117 -30.90 8.38 6.77
CA THR C 117 -29.83 7.40 6.59
C THR C 117 -29.11 7.01 7.90
N ILE C 118 -28.86 7.97 8.78
CA ILE C 118 -28.05 7.69 9.96
C ILE C 118 -28.88 7.01 11.04
N VAL C 119 -30.10 7.51 11.21
CA VAL C 119 -31.04 6.91 12.13
C VAL C 119 -31.30 5.45 11.73
N SER C 120 -31.60 5.19 10.46
CA SER C 120 -31.68 3.82 9.96
C SER C 120 -30.45 2.96 10.26
N HIS C 121 -29.26 3.46 9.94
CA HIS C 121 -28.01 2.77 10.31
C HIS C 121 -27.96 2.44 11.80
N PHE C 122 -28.28 3.41 12.65
CA PHE C 122 -28.19 3.21 14.09
C PHE C 122 -29.32 2.33 14.62
N ALA C 123 -30.53 2.54 14.10
CA ALA C 123 -31.65 1.71 14.48
C ALA C 123 -31.31 0.27 14.16
N GLY C 124 -30.74 0.06 12.97
CA GLY C 124 -30.35 -1.26 12.50
C GLY C 124 -29.40 -1.99 13.44
N LYS C 125 -28.40 -1.26 13.94
CA LYS C 125 -27.39 -1.82 14.84
C LYS C 125 -27.92 -2.10 16.24
N LEU C 126 -28.98 -1.39 16.60
CA LEU C 126 -29.50 -1.40 17.93
C LEU C 126 -30.57 -2.48 18.07
N TYR C 127 -31.31 -2.71 17.00
CA TYR C 127 -32.56 -3.47 17.06
C TYR C 127 -32.71 -4.54 15.96
N GLY C 128 -31.80 -4.55 14.99
CA GLY C 128 -31.92 -5.44 13.83
C GLY C 128 -32.78 -4.80 12.77
N MSE C 129 -32.34 -4.88 11.51
CA MSE C 129 -33.05 -4.26 10.39
C MSE C 129 -34.47 -4.81 10.27
O MSE C 129 -34.69 -6.02 10.41
CB MSE C 129 -32.29 -4.51 9.07
CG MSE C 129 -32.33 -3.35 8.09
SE MSE C 129 -31.07 -1.94 8.65
CE MSE C 129 -29.48 -2.59 7.72
N HIS C 130 -35.43 -3.92 10.01
CA HIS C 130 -36.84 -4.27 9.77
C HIS C 130 -37.56 -5.00 10.93
N SER C 131 -36.95 -4.98 12.12
CA SER C 131 -37.62 -5.45 13.34
C SER C 131 -38.56 -4.35 13.87
N HIS C 132 -39.30 -4.63 14.94
CA HIS C 132 -40.33 -3.67 15.39
C HIS C 132 -39.76 -2.38 15.97
N LYS C 133 -38.72 -2.52 16.80
CA LYS C 133 -38.05 -1.35 17.36
C LYS C 133 -37.39 -0.50 16.28
N TYR C 134 -36.88 -1.13 15.22
CA TYR C 134 -36.33 -0.41 14.07
C TYR C 134 -37.42 0.43 13.40
N LYS C 135 -38.66 -0.07 13.44
CA LYS C 135 -39.79 0.59 12.76
C LYS C 135 -40.24 1.87 13.45
N LYS C 136 -40.41 1.83 14.79
CA LYS C 136 -40.89 2.99 15.54
C LYS C 136 -39.91 4.16 15.52
N LEU C 137 -38.64 3.91 15.75
CA LEU C 137 -37.64 4.99 15.72
C LEU C 137 -37.62 5.64 14.33
N THR C 138 -37.37 4.83 13.30
CA THR C 138 -37.18 5.35 11.93
C THR C 138 -38.39 6.13 11.44
N LYS C 139 -39.59 5.58 11.64
CA LYS C 139 -40.82 6.27 11.20
C LYS C 139 -41.26 7.41 12.12
N THR C 140 -40.85 7.38 13.40
CA THR C 140 -41.16 8.49 14.31
C THR C 140 -40.28 9.70 13.99
N VAL C 141 -39.04 9.45 13.60
CA VAL C 141 -38.18 10.52 13.10
C VAL C 141 -38.77 11.04 11.78
N LYS C 142 -39.03 10.11 10.87
CA LYS C 142 -39.57 10.40 9.53
C LYS C 142 -40.84 11.26 9.56
N GLU C 143 -41.73 11.02 10.53
CA GLU C 143 -42.99 11.75 10.64
C GLU C 143 -42.81 13.17 11.17
N ILE C 144 -41.97 13.30 12.19
CA ILE C 144 -41.61 14.60 12.78
C ILE C 144 -40.96 15.53 11.74
N VAL C 145 -40.04 14.97 10.94
CA VAL C 145 -39.32 15.77 9.95
C VAL C 145 -40.19 16.18 8.76
N ARG C 146 -41.49 16.36 9.01
CA ARG C 146 -42.46 16.85 8.02
C ARG C 146 -43.45 17.86 8.64
N ALA D 3 10.40 1.51 13.22
CA ALA D 3 8.97 1.41 12.78
C ALA D 3 8.14 0.46 13.69
N LYS D 4 7.12 1.00 14.37
CA LYS D 4 6.37 0.27 15.43
C LYS D 4 5.02 -0.34 15.03
N ILE D 5 4.55 -1.29 15.83
CA ILE D 5 3.17 -1.75 15.78
C ILE D 5 2.48 -1.22 17.04
N ILE D 6 1.27 -0.66 16.88
CA ILE D 6 0.58 0.03 17.97
C ILE D 6 -0.87 -0.45 18.07
N GLY D 7 -1.33 -0.71 19.29
CA GLY D 7 -2.73 -1.05 19.53
C GLY D 7 -3.51 0.22 19.84
N TYR D 8 -4.77 0.26 19.43
CA TYR D 8 -5.67 1.35 19.83
C TYR D 8 -6.99 0.79 20.37
N ALA D 9 -7.29 1.14 21.61
CA ALA D 9 -8.56 0.78 22.28
C ALA D 9 -9.31 2.02 22.78
N ARG D 10 -10.63 1.93 22.85
CA ARG D 10 -11.47 3.10 23.17
C ARG D 10 -12.82 2.66 23.69
N VAL D 11 -13.29 3.36 24.72
CA VAL D 11 -14.72 3.34 25.09
C VAL D 11 -15.19 4.79 25.30
N SER D 12 -16.48 5.03 25.18
CA SER D 12 -17.03 6.37 25.32
C SER D 12 -17.11 6.81 26.77
N PHE D 13 -17.39 5.87 27.69
CA PHE D 13 -17.62 6.25 29.08
C PHE D 13 -16.74 5.53 30.07
N ASN D 14 -16.34 6.23 31.13
CA ASN D 14 -15.52 5.60 32.16
C ASN D 14 -16.15 4.32 32.73
N ALA D 15 -17.48 4.31 32.86
CA ALA D 15 -18.21 3.14 33.36
C ALA D 15 -18.00 1.88 32.53
N GLN D 16 -17.53 2.04 31.28
CA GLN D 16 -17.18 0.88 30.46
C GLN D 16 -15.73 0.45 30.69
N LYS D 17 -15.18 0.73 31.88
CA LYS D 17 -13.73 0.51 32.16
C LYS D 17 -13.40 -0.97 32.08
N ASP D 18 -14.40 -1.79 32.39
CA ASP D 18 -14.30 -3.22 32.15
C ASP D 18 -14.00 -3.44 30.69
N ASP D 19 -15.03 -3.36 29.86
CA ASP D 19 -14.93 -3.72 28.45
C ASP D 19 -13.77 -3.01 27.70
N LEU D 20 -13.39 -1.82 28.14
CA LEU D 20 -12.12 -1.31 27.69
C LEU D 20 -11.08 -2.44 27.70
N GLU D 21 -11.00 -3.20 28.78
CA GLU D 21 -9.96 -4.27 28.83
C GLU D 21 -10.26 -5.58 28.10
N ARG D 22 -11.54 -5.87 27.85
CA ARG D 22 -11.96 -6.77 26.76
C ARG D 22 -11.16 -6.50 25.47
N GLN D 23 -11.01 -5.21 25.12
CA GLN D 23 -10.24 -4.80 23.95
C GLN D 23 -8.75 -4.94 24.14
N ILE D 24 -8.23 -4.43 25.26
CA ILE D 24 -6.81 -4.46 25.57
C ILE D 24 -6.22 -5.88 25.57
N GLN D 25 -6.86 -6.83 26.25
CA GLN D 25 -6.33 -8.22 26.22
C GLN D 25 -6.57 -8.93 24.90
N LEU D 26 -7.62 -8.56 24.19
CA LEU D 26 -7.82 -9.08 22.84
C LEU D 26 -6.64 -8.61 21.96
N ILE D 27 -6.25 -7.34 22.11
CA ILE D 27 -5.11 -6.75 21.40
C ILE D 27 -3.78 -7.32 21.93
N LYS D 28 -3.67 -7.40 23.25
CA LYS D 28 -2.45 -7.91 23.88
C LYS D 28 -2.17 -9.38 23.55
N SER D 29 -3.24 -10.19 23.44
CA SER D 29 -3.04 -11.61 23.14
C SER D 29 -2.80 -11.83 21.63
N TYR D 30 -3.26 -10.89 20.82
CA TYR D 30 -2.99 -10.91 19.38
C TYR D 30 -1.51 -10.65 19.14
N ALA D 31 -0.97 -9.64 19.84
CA ALA D 31 0.43 -9.29 19.78
C ALA D 31 1.38 -10.40 20.24
N GLU D 32 1.39 -10.74 21.53
CA GLU D 32 2.38 -11.66 22.09
C GLU D 32 2.38 -13.07 21.49
N GLU D 33 1.25 -13.43 20.86
CA GLU D 33 1.21 -14.54 19.91
C GLU D 33 2.25 -14.39 18.79
N ASN D 34 2.28 -13.22 18.14
CA ASN D 34 3.20 -12.93 17.05
C ASN D 34 4.59 -12.53 17.52
N GLY D 35 4.75 -12.39 18.83
CA GLY D 35 6.02 -12.00 19.43
C GLY D 35 6.37 -10.54 19.16
N TRP D 36 5.34 -9.69 19.12
CA TRP D 36 5.54 -8.27 18.92
C TRP D 36 5.65 -7.49 20.24
N ASP D 37 6.65 -6.62 20.31
CA ASP D 37 6.74 -5.57 21.34
C ASP D 37 5.82 -4.44 20.91
N ILE D 38 4.67 -4.28 21.58
CA ILE D 38 3.74 -3.23 21.14
C ILE D 38 3.42 -2.17 22.20
N GLN D 39 3.05 -0.98 21.73
CA GLN D 39 2.57 0.08 22.59
C GLN D 39 1.05 0.13 22.43
N ILE D 40 0.31 0.26 23.52
CA ILE D 40 -1.14 0.40 23.40
C ILE D 40 -1.55 1.83 23.73
N LEU D 41 -2.30 2.45 22.83
CA LEU D 41 -2.86 3.78 23.06
C LEU D 41 -4.36 3.66 23.28
N LYS D 42 -4.89 4.43 24.23
CA LYS D 42 -6.33 4.44 24.49
C LYS D 42 -6.92 5.83 24.76
N ASP D 43 -8.22 5.95 24.48
CA ASP D 43 -8.99 7.12 24.88
C ASP D 43 -10.29 6.65 25.52
N ILE D 44 -10.76 7.42 26.49
CA ILE D 44 -12.13 7.31 26.97
C ILE D 44 -12.82 8.51 26.38
N GLY D 45 -13.59 8.26 25.31
CA GLY D 45 -14.31 9.31 24.58
C GLY D 45 -15.00 8.65 23.39
N SER D 46 -15.93 9.37 22.79
CA SER D 46 -16.72 8.89 21.68
C SER D 46 -15.91 8.66 20.40
N GLY D 47 -16.32 7.66 19.61
CA GLY D 47 -15.78 7.50 18.25
C GLY D 47 -16.18 8.58 17.23
N LEU D 48 -17.08 9.47 17.63
CA LEU D 48 -17.40 10.67 16.89
C LEU D 48 -16.42 11.82 17.12
N ASN D 49 -15.70 11.82 18.24
CA ASN D 49 -14.83 12.94 18.58
C ASN D 49 -13.44 12.86 17.89
N GLU D 50 -13.24 13.68 16.88
CA GLU D 50 -11.99 13.69 16.10
C GLU D 50 -10.85 14.31 16.88
N LYS D 51 -11.12 14.84 18.07
CA LYS D 51 -10.08 15.50 18.87
C LYS D 51 -9.60 14.65 20.05
N ARG D 52 -10.02 13.40 20.09
CA ARG D 52 -9.52 12.48 21.10
C ARG D 52 -8.00 12.62 21.09
N LYS D 53 -7.42 12.76 22.28
CA LYS D 53 -6.03 13.11 22.42
C LYS D 53 -5.05 11.98 21.95
N ASN D 54 -5.22 10.77 22.45
CA ASN D 54 -4.29 9.68 22.04
C ASN D 54 -4.52 9.23 20.62
N TYR D 55 -5.74 9.44 20.13
CA TYR D 55 -6.11 9.16 18.74
C TYR D 55 -5.38 10.10 17.79
N LYS D 56 -5.29 11.37 18.19
CA LYS D 56 -4.57 12.38 17.42
C LYS D 56 -3.07 12.15 17.50
N LYS D 57 -2.59 11.69 18.65
CA LYS D 57 -1.20 11.25 18.78
C LYS D 57 -0.89 10.12 17.77
N LEU D 58 -1.81 9.16 17.68
CA LEU D 58 -1.67 8.02 16.78
C LEU D 58 -1.73 8.48 15.33
N LEU D 59 -2.73 9.30 14.98
CA LEU D 59 -2.79 9.83 13.62
C LEU D 59 -1.50 10.54 13.21
N LYS D 60 -0.92 11.33 14.11
CA LYS D 60 0.30 12.07 13.82
C LYS D 60 1.49 11.13 13.56
N MSE D 61 1.59 10.06 14.33
CA MSE D 61 2.69 9.13 14.16
C MSE D 61 2.57 8.42 12.82
O MSE D 61 3.56 8.22 12.13
CB MSE D 61 2.69 8.09 15.29
CG MSE D 61 3.54 8.47 16.52
SE MSE D 61 3.16 7.39 18.15
CE MSE D 61 1.68 6.32 17.55
N VAL D 62 1.35 8.05 12.47
CA VAL D 62 1.06 7.42 11.20
C VAL D 62 1.37 8.35 10.03
N MSE D 63 0.93 9.60 10.13
CA MSE D 63 1.22 10.56 9.06
C MSE D 63 2.72 10.86 8.93
O MSE D 63 3.19 11.25 7.87
CB MSE D 63 0.43 11.88 9.25
CG MSE D 63 -1.07 11.70 9.13
SE MSE D 63 -2.00 13.42 9.26
CE MSE D 63 -1.83 13.78 11.18
N ASN D 64 3.46 10.65 10.02
CA ASN D 64 4.91 10.83 10.01
C ASN D 64 5.65 9.55 9.60
N ARG D 65 4.92 8.59 9.03
CA ARG D 65 5.47 7.34 8.50
C ARG D 65 6.20 6.50 9.56
N LYS D 66 5.74 6.57 10.81
CA LYS D 66 6.42 5.86 11.92
C LYS D 66 5.75 4.54 12.33
N VAL D 67 4.71 4.11 11.62
CA VAL D 67 3.87 3.00 12.08
C VAL D 67 3.55 2.03 10.95
N GLU D 68 3.86 0.74 11.16
CA GLU D 68 3.60 -0.35 10.22
C GLU D 68 2.16 -0.81 10.32
N LYS D 69 1.69 -0.98 11.57
CA LYS D 69 0.40 -1.60 11.83
C LYS D 69 -0.28 -0.96 13.03
N VAL D 70 -1.59 -0.78 12.89
CA VAL D 70 -2.45 -0.40 14.00
C VAL D 70 -3.42 -1.52 14.24
N ILE D 71 -3.42 -2.03 15.47
CA ILE D 71 -4.23 -3.16 15.84
C ILE D 71 -5.44 -2.68 16.63
N ILE D 72 -6.64 -3.00 16.13
CA ILE D 72 -7.88 -2.65 16.82
C ILE D 72 -8.77 -3.86 17.05
N ALA D 73 -9.65 -3.77 18.05
CA ALA D 73 -10.55 -4.89 18.32
C ALA D 73 -11.62 -5.03 17.21
N TYR D 74 -12.22 -3.92 16.84
CA TYR D 74 -13.23 -3.88 15.77
C TYR D 74 -13.37 -2.44 15.26
N PRO D 75 -13.92 -2.25 14.03
CA PRO D 75 -13.75 -0.94 13.36
C PRO D 75 -14.20 0.30 14.15
N ASP D 76 -15.35 0.27 14.81
CA ASP D 76 -15.86 1.51 15.40
C ASP D 76 -15.15 1.92 16.69
N ARG D 77 -14.20 1.12 17.15
CA ARG D 77 -13.31 1.53 18.23
C ARG D 77 -12.41 2.67 17.78
N LEU D 78 -11.97 2.61 16.53
CA LEU D 78 -11.06 3.62 16.02
C LEU D 78 -11.80 4.92 15.68
N THR D 79 -12.96 4.81 15.04
CA THR D 79 -13.77 5.99 14.65
C THR D 79 -15.20 5.52 14.32
N ARG D 80 -16.20 6.35 14.58
CA ARG D 80 -17.57 5.98 14.19
C ARG D 80 -17.79 6.15 12.69
N PHE D 81 -17.38 7.29 12.12
CA PHE D 81 -17.45 7.51 10.68
C PHE D 81 -16.09 7.69 10.05
N GLY D 82 -16.07 7.59 8.71
CA GLY D 82 -14.86 7.80 7.95
C GLY D 82 -13.80 6.72 8.09
N PHE D 83 -14.19 5.51 8.48
CA PHE D 83 -13.22 4.41 8.63
C PHE D 83 -12.50 4.06 7.33
N GLU D 84 -13.23 3.94 6.22
CA GLU D 84 -12.60 3.57 4.94
C GLU D 84 -11.66 4.65 4.40
N THR D 85 -12.04 5.91 4.59
CA THR D 85 -11.23 7.04 4.24
C THR D 85 -9.95 6.98 5.09
N LEU D 86 -10.11 6.66 6.37
CA LEU D 86 -8.96 6.58 7.27
C LEU D 86 -8.07 5.43 6.80
N LYS D 87 -8.67 4.28 6.50
CA LYS D 87 -7.91 3.09 6.14
C LYS D 87 -7.05 3.36 4.87
N GLU D 88 -7.61 4.11 3.93
CA GLU D 88 -6.95 4.37 2.66
C GLU D 88 -5.75 5.35 2.84
N PHE D 89 -5.93 6.42 3.61
CA PHE D 89 -4.80 7.26 3.98
C PHE D 89 -3.72 6.54 4.77
N PHE D 90 -4.11 5.70 5.73
CA PHE D 90 -3.15 4.95 6.53
C PHE D 90 -2.27 4.13 5.58
N LYS D 91 -2.90 3.49 4.57
CA LYS D 91 -2.16 2.70 3.58
C LYS D 91 -1.17 3.55 2.80
N SER D 92 -1.51 4.81 2.54
CA SER D 92 -0.63 5.67 1.74
C SER D 92 0.64 6.02 2.50
N TYR D 93 0.62 5.84 3.82
CA TYR D 93 1.81 6.01 4.65
C TYR D 93 2.48 4.68 4.94
N GLY D 94 1.91 3.60 4.42
CA GLY D 94 2.45 2.28 4.65
C GLY D 94 1.94 1.63 5.93
N THR D 95 0.74 2.01 6.34
CA THR D 95 0.18 1.54 7.61
C THR D 95 -1.08 0.66 7.37
N GLU D 96 -0.98 -0.60 7.79
CA GLU D 96 -2.15 -1.47 7.82
C GLU D 96 -2.97 -1.33 9.13
N ILE D 97 -4.29 -1.40 9.01
CA ILE D 97 -5.18 -1.57 10.18
C ILE D 97 -5.59 -3.04 10.29
N VAL D 98 -5.07 -3.71 11.31
CA VAL D 98 -5.47 -5.09 11.63
C VAL D 98 -6.70 -5.07 12.55
N ILE D 99 -7.79 -5.66 12.08
CA ILE D 99 -9.07 -5.74 12.80
C ILE D 99 -9.23 -7.16 13.34
N ILE D 100 -9.22 -7.31 14.65
CA ILE D 100 -9.26 -8.65 15.23
C ILE D 100 -10.60 -9.38 15.00
N ASN D 101 -11.71 -8.67 15.21
CA ASN D 101 -13.04 -9.28 15.04
C ASN D 101 -14.01 -8.28 14.47
N LYS D 102 -14.13 -8.27 13.14
CA LYS D 102 -14.97 -7.32 12.41
C LYS D 102 -16.43 -7.38 12.86
N LYS D 103 -16.88 -8.58 13.25
CA LYS D 103 -18.28 -8.83 13.61
C LYS D 103 -18.60 -8.77 15.12
N HIS D 104 -17.64 -8.27 15.92
CA HIS D 104 -17.82 -8.15 17.37
C HIS D 104 -19.05 -7.30 17.70
N LYS D 105 -19.85 -7.75 18.65
CA LYS D 105 -21.01 -6.98 19.09
C LYS D 105 -20.51 -5.63 19.61
N THR D 106 -21.12 -4.55 19.13
CA THR D 106 -20.70 -3.22 19.54
C THR D 106 -21.46 -2.79 20.80
N PRO D 107 -20.85 -1.97 21.67
CA PRO D 107 -21.54 -1.50 22.90
C PRO D 107 -22.80 -0.70 22.59
N GLN D 108 -23.93 -1.23 23.08
CA GLN D 108 -25.26 -0.69 22.83
C GLN D 108 -25.37 0.75 23.31
N GLU D 109 -24.82 0.98 24.49
CA GLU D 109 -24.65 2.26 25.13
C GLU D 109 -24.10 3.36 24.18
N GLU D 110 -23.05 3.01 23.42
CA GLU D 110 -22.38 3.98 22.55
C GLU D 110 -23.23 4.35 21.33
N LEU D 111 -23.95 3.34 20.82
CA LEU D 111 -24.90 3.52 19.73
C LEU D 111 -25.99 4.49 20.17
N VAL D 112 -26.56 4.24 21.36
CA VAL D 112 -27.57 5.13 21.92
C VAL D 112 -27.03 6.55 22.01
N GLU D 113 -25.89 6.76 22.67
CA GLU D 113 -25.39 8.11 22.85
C GLU D 113 -24.82 8.78 21.57
N ASP D 114 -24.17 8.02 20.69
CA ASP D 114 -23.77 8.60 19.40
C ASP D 114 -25.00 8.99 18.58
N LEU D 115 -26.03 8.17 18.59
CA LEU D 115 -27.28 8.53 17.88
C LEU D 115 -27.82 9.86 18.42
N ILE D 116 -27.89 9.99 19.74
CA ILE D 116 -28.36 11.23 20.37
C ILE D 116 -27.54 12.41 19.86
N THR D 117 -26.21 12.30 19.97
CA THR D 117 -25.28 13.35 19.51
C THR D 117 -25.55 13.77 18.05
N ILE D 118 -25.62 12.80 17.16
CA ILE D 118 -25.84 13.06 15.74
C ILE D 118 -27.24 13.64 15.43
N VAL D 119 -28.26 13.15 16.15
CA VAL D 119 -29.60 13.67 15.98
C VAL D 119 -29.63 15.13 16.42
N SER D 120 -28.94 15.43 17.51
CA SER D 120 -28.82 16.80 17.97
C SER D 120 -28.11 17.69 16.94
N HIS D 121 -27.09 17.15 16.28
CA HIS D 121 -26.34 17.90 15.27
C HIS D 121 -27.23 18.30 14.11
N PHE D 122 -27.97 17.32 13.57
CA PHE D 122 -28.91 17.56 12.47
C PHE D 122 -30.13 18.42 12.85
N ALA D 123 -30.83 18.04 13.92
CA ALA D 123 -31.89 18.88 14.47
C ALA D 123 -31.44 20.34 14.67
N GLY D 124 -30.20 20.52 15.14
CA GLY D 124 -29.64 21.86 15.38
C GLY D 124 -29.53 22.67 14.11
N LYS D 125 -28.93 22.08 13.08
CA LYS D 125 -28.78 22.78 11.80
C LYS D 125 -30.10 22.92 11.05
N LEU D 126 -31.05 22.04 11.35
CA LEU D 126 -32.37 22.09 10.72
C LEU D 126 -33.29 23.16 11.28
N TYR D 127 -33.32 23.30 12.60
CA TYR D 127 -34.35 24.12 13.26
C TYR D 127 -33.77 25.22 14.14
N GLY D 128 -32.46 25.21 14.32
CA GLY D 128 -31.82 26.06 15.30
C GLY D 128 -31.88 25.33 16.62
N MSE D 129 -30.82 25.47 17.42
CA MSE D 129 -30.82 24.86 18.74
C MSE D 129 -31.72 25.65 19.70
O MSE D 129 -31.89 26.87 19.57
CB MSE D 129 -29.40 24.77 19.28
CG MSE D 129 -29.23 23.64 20.29
SE MSE D 129 -27.76 23.96 21.53
CE MSE D 129 -28.04 25.87 21.90
N HIS D 130 -32.29 24.92 20.66
CA HIS D 130 -33.28 25.46 21.60
C HIS D 130 -34.53 26.07 20.97
N SER D 131 -34.79 25.75 19.70
CA SER D 131 -36.08 26.03 19.09
C SER D 131 -37.08 24.96 19.53
N HIS D 132 -38.36 25.20 19.29
CA HIS D 132 -39.39 24.24 19.67
C HIS D 132 -39.22 22.93 18.92
N LYS D 133 -38.88 23.02 17.64
CA LYS D 133 -38.80 21.85 16.79
C LYS D 133 -37.58 21.00 17.18
N TYR D 134 -36.46 21.68 17.47
CA TYR D 134 -35.27 21.01 17.98
C TYR D 134 -35.65 20.14 19.18
N LYS D 135 -36.34 20.77 20.15
CA LYS D 135 -36.70 20.12 21.41
C LYS D 135 -37.57 18.89 21.20
N LYS D 136 -38.49 18.98 20.24
CA LYS D 136 -39.45 17.91 19.96
C LYS D 136 -38.73 16.66 19.41
N LEU D 137 -37.92 16.84 18.38
CA LEU D 137 -37.20 15.75 17.76
C LEU D 137 -36.18 15.10 18.71
N THR D 138 -35.41 15.93 19.40
CA THR D 138 -34.38 15.43 20.28
C THR D 138 -34.95 14.66 21.48
N LYS D 139 -35.99 15.20 22.10
CA LYS D 139 -36.63 14.52 23.23
C LYS D 139 -37.27 13.18 22.83
N THR D 140 -38.00 13.17 21.72
CA THR D 140 -38.70 11.98 21.25
C THR D 140 -37.71 10.85 20.94
N VAL D 141 -36.62 11.20 20.26
CA VAL D 141 -35.56 10.23 20.03
C VAL D 141 -34.97 9.75 21.36
N LYS D 142 -34.47 10.68 22.17
CA LYS D 142 -33.95 10.35 23.51
C LYS D 142 -34.86 9.42 24.30
N GLU D 143 -36.17 9.71 24.27
CA GLU D 143 -37.17 8.94 25.01
C GLU D 143 -37.31 7.51 24.51
N ILE D 144 -37.13 7.32 23.20
CA ILE D 144 -37.21 6.00 22.59
C ILE D 144 -35.95 5.17 22.91
N VAL D 145 -34.78 5.77 22.72
CA VAL D 145 -33.52 5.00 22.80
C VAL D 145 -33.02 4.67 24.21
N ARG D 146 -33.26 5.56 25.16
CA ARG D 146 -32.94 5.33 26.59
C ARG D 146 -34.00 4.51 27.34
N GLU D 147 -35.14 4.25 26.67
CA GLU D 147 -36.31 3.62 27.30
C GLU D 147 -36.00 2.25 27.94
#